data_5D7D
#
_entry.id   5D7D
#
_cell.length_a   143.300
_cell.length_b   55.446
_cell.length_c   51.029
_cell.angle_alpha   90.000
_cell.angle_beta   100.950
_cell.angle_gamma   90.000
#
_symmetry.space_group_name_H-M   'C 1 2 1'
#
loop_
_entity.id
_entity.type
_entity.pdbx_description
1 polymer 'DNA gyrase subunit B'
2 non-polymer (4S)-2-METHYL-2,4-PENTANEDIOL
3 non-polymer 'CHLORIDE ION'
4 non-polymer 'MAGNESIUM ION'
5 non-polymer 7-propyl-3-[2-(pyridin-3-yl)-1,3-thiazol-5-yl]-1,7-dihydro-6H-pyrazolo[3,4-b]pyridin-6-one
6 water water
#
_entity_poly.entity_id   1
_entity_poly.type   'polypeptide(L)'
_entity_poly.pdbx_seq_one_letter_code
;GSVTALSDVNNTDNYGAGQIQVLEGLEAVRKRPGMYIGSTSERGLHHLVWEIVDNSIDEALAGYANQIEVVIEKDNWIKV
TDNGRGIPVDIQEKMGRPAVEVILTSSVVNALSQDLEVYVHRNETIYHQAYKKGVPQFDLKEVGTTDKTGTVIRFKADGE
IFTETTVYNYETLQQRIRELAFLNKGIQITLRDERDEENVREDSYHYEGGIK
;
_entity_poly.pdbx_strand_id   A,B
#
# COMPACT_ATOMS: atom_id res chain seq x y z
N GLY A 16 -2.35 1.76 5.47
CA GLY A 16 -3.19 2.95 5.86
C GLY A 16 -3.73 3.70 4.66
N ALA A 17 -2.96 4.69 4.18
CA ALA A 17 -3.36 5.52 3.01
C ALA A 17 -3.78 4.67 1.80
N GLY A 18 -3.07 3.55 1.64
CA GLY A 18 -3.22 2.69 0.49
C GLY A 18 -4.61 2.05 0.52
N GLN A 19 -4.96 1.59 1.71
CA GLN A 19 -6.29 0.97 1.95
C GLN A 19 -7.45 1.99 1.84
N ILE A 20 -7.23 3.15 2.39
CA ILE A 20 -8.18 4.26 2.15
C ILE A 20 -8.39 4.55 0.66
N GLN A 21 -7.30 4.59 -0.13
CA GLN A 21 -7.32 4.74 -1.62
CA GLN A 21 -7.45 4.88 -1.55
C GLN A 21 -8.28 3.73 -2.21
N VAL A 22 -8.21 2.53 -1.66
CA VAL A 22 -9.04 1.38 -2.17
C VAL A 22 -10.55 1.69 -2.03
N LEU A 23 -10.95 2.04 -0.82
CA LEU A 23 -12.33 2.38 -0.51
C LEU A 23 -12.85 3.49 -1.33
N GLU A 24 -12.05 4.52 -1.52
CA GLU A 24 -12.43 5.60 -2.41
C GLU A 24 -12.62 5.17 -3.89
N GLY A 25 -11.80 4.26 -4.30
CA GLY A 25 -11.86 3.73 -5.62
C GLY A 25 -13.16 2.93 -5.84
N LEU A 26 -13.55 2.19 -4.83
CA LEU A 26 -14.82 1.43 -4.89
C LEU A 26 -15.96 2.38 -4.98
N GLU A 27 -16.00 3.39 -4.09
CA GLU A 27 -17.02 4.42 -4.15
C GLU A 27 -17.12 5.05 -5.55
N ALA A 28 -15.99 5.39 -6.16
CA ALA A 28 -15.94 6.06 -7.48
C ALA A 28 -16.56 5.19 -8.57
N VAL A 29 -16.18 3.96 -8.54
CA VAL A 29 -16.67 3.00 -9.58
C VAL A 29 -18.25 2.83 -9.44
N ARG A 30 -18.72 2.66 -8.23
CA ARG A 30 -20.16 2.39 -7.96
C ARG A 30 -20.99 3.62 -8.17
N LYS A 31 -20.34 4.78 -8.07
CA LYS A 31 -21.09 6.01 -8.36
C LYS A 31 -21.26 6.31 -9.89
N ARG A 32 -20.28 5.93 -10.75
CA ARG A 32 -20.35 6.20 -12.15
C ARG A 32 -19.94 5.01 -12.92
N PRO A 33 -20.69 3.92 -12.73
CA PRO A 33 -20.26 2.63 -13.34
C PRO A 33 -20.14 2.61 -14.83
N GLY A 34 -21.00 3.34 -15.53
CA GLY A 34 -20.96 3.52 -16.99
C GLY A 34 -19.71 4.19 -17.47
N MET A 35 -19.09 5.05 -16.63
CA MET A 35 -17.83 5.57 -17.09
C MET A 35 -16.73 4.52 -17.11
N TYR A 36 -16.85 3.46 -16.32
CA TYR A 36 -15.86 2.43 -16.25
C TYR A 36 -16.12 1.26 -17.09
N ILE A 37 -17.39 0.83 -17.35
CA ILE A 37 -17.69 -0.38 -18.19
CA ILE A 37 -17.65 -0.36 -18.24
C ILE A 37 -18.55 -0.13 -19.44
N GLY A 38 -18.80 1.12 -19.70
CA GLY A 38 -19.50 1.56 -20.85
C GLY A 38 -20.96 1.83 -20.65
N SER A 39 -21.60 1.00 -19.81
CA SER A 39 -23.06 1.03 -19.63
CA SER A 39 -23.05 0.94 -19.72
C SER A 39 -23.41 0.10 -18.52
N THR A 40 -24.60 0.33 -17.96
CA THR A 40 -25.10 -0.60 -17.01
C THR A 40 -26.28 -1.43 -17.53
N SER A 41 -26.44 -1.42 -18.82
CA SER A 41 -27.39 -2.23 -19.58
C SER A 41 -26.87 -3.70 -19.64
N GLU A 42 -27.60 -4.48 -20.41
CA GLU A 42 -27.18 -5.86 -20.69
C GLU A 42 -25.73 -5.91 -21.21
N ARG A 43 -25.35 -4.94 -22.05
CA ARG A 43 -23.97 -4.89 -22.54
CA ARG A 43 -23.98 -4.85 -22.57
C ARG A 43 -22.95 -4.76 -21.47
N GLY A 44 -23.17 -3.85 -20.53
CA GLY A 44 -22.21 -3.73 -19.42
C GLY A 44 -22.20 -4.93 -18.51
N LEU A 45 -23.36 -5.58 -18.36
CA LEU A 45 -23.41 -6.82 -17.56
C LEU A 45 -22.44 -7.86 -18.12
N HIS A 46 -22.52 -8.07 -19.44
CA HIS A 46 -21.60 -9.04 -20.08
C HIS A 46 -20.15 -8.58 -20.08
N HIS A 47 -19.91 -7.30 -20.05
CA HIS A 47 -18.52 -6.75 -19.92
C HIS A 47 -17.81 -7.26 -18.66
N LEU A 48 -18.59 -7.53 -17.60
CA LEU A 48 -18.03 -8.12 -16.34
C LEU A 48 -17.21 -9.39 -16.71
N VAL A 49 -17.87 -10.24 -17.50
CA VAL A 49 -17.28 -11.52 -17.87
C VAL A 49 -16.06 -11.28 -18.70
N TRP A 50 -16.12 -10.33 -19.60
CA TRP A 50 -14.93 -10.03 -20.46
C TRP A 50 -13.73 -9.53 -19.68
N GLU A 51 -13.97 -8.78 -18.64
CA GLU A 51 -12.87 -8.22 -17.84
C GLU A 51 -12.12 -9.38 -17.15
N ILE A 52 -12.87 -10.31 -16.57
CA ILE A 52 -12.20 -11.45 -15.88
C ILE A 52 -11.55 -12.40 -16.83
N VAL A 53 -12.22 -12.70 -17.94
CA VAL A 53 -11.68 -13.67 -18.96
C VAL A 53 -10.41 -13.02 -19.55
N ASP A 54 -10.43 -11.68 -19.80
CA ASP A 54 -9.18 -11.02 -20.31
C ASP A 54 -7.99 -11.22 -19.35
N ASN A 55 -8.22 -11.26 -18.04
CA ASN A 55 -7.11 -11.44 -17.08
C ASN A 55 -6.55 -12.87 -17.23
N SER A 56 -7.44 -13.87 -17.42
CA SER A 56 -7.02 -15.22 -17.62
C SER A 56 -6.26 -15.31 -18.94
N ILE A 57 -6.76 -14.62 -19.98
CA ILE A 57 -6.03 -14.61 -21.28
C ILE A 57 -4.62 -14.06 -21.14
N ASP A 58 -4.50 -12.99 -20.33
CA ASP A 58 -3.12 -12.44 -20.11
C ASP A 58 -2.20 -13.44 -19.45
N GLU A 59 -2.72 -14.23 -18.54
CA GLU A 59 -1.89 -15.29 -17.91
C GLU A 59 -1.51 -16.43 -18.85
N ALA A 60 -2.32 -16.69 -19.89
CA ALA A 60 -2.01 -17.60 -20.97
C ALA A 60 -0.97 -17.05 -21.87
N LEU A 61 -1.13 -15.79 -22.25
CA LEU A 61 -0.16 -15.15 -23.14
C LEU A 61 1.17 -15.05 -22.46
N ALA A 62 1.22 -14.90 -21.15
CA ALA A 62 2.46 -14.86 -20.36
C ALA A 62 3.14 -16.25 -20.36
N GLY A 63 2.46 -17.31 -20.81
CA GLY A 63 3.05 -18.57 -20.89
C GLY A 63 2.61 -19.65 -19.95
N TYR A 64 1.63 -19.36 -19.12
CA TYR A 64 1.29 -20.22 -17.90
C TYR A 64 -0.01 -20.99 -18.07
N ALA A 65 -1.06 -20.28 -18.42
CA ALA A 65 -2.40 -20.90 -18.51
C ALA A 65 -2.68 -21.38 -19.94
N ASN A 66 -3.47 -22.40 -20.08
CA ASN A 66 -4.00 -22.85 -21.32
C ASN A 66 -5.41 -23.32 -21.32
N GLN A 67 -6.16 -23.11 -20.21
CA GLN A 67 -7.51 -23.58 -20.18
C GLN A 67 -8.26 -22.53 -19.35
N ILE A 68 -9.39 -22.12 -19.91
CA ILE A 68 -10.29 -21.13 -19.24
C ILE A 68 -11.69 -21.71 -19.31
N GLU A 69 -12.43 -21.69 -18.22
CA GLU A 69 -13.81 -22.20 -18.18
C GLU A 69 -14.67 -21.10 -17.61
N VAL A 70 -15.76 -20.82 -18.32
CA VAL A 70 -16.78 -19.87 -17.87
C VAL A 70 -18.06 -20.62 -17.65
N VAL A 71 -18.63 -20.58 -16.40
CA VAL A 71 -19.88 -21.28 -16.07
C VAL A 71 -20.93 -20.22 -15.67
N ILE A 72 -22.08 -20.26 -16.30
CA ILE A 72 -23.23 -19.52 -15.78
C ILE A 72 -23.94 -20.43 -14.78
N GLU A 73 -23.91 -20.05 -13.54
CA GLU A 73 -24.45 -20.85 -12.41
C GLU A 73 -25.87 -20.40 -12.10
N LYS A 74 -26.59 -21.26 -11.36
CA LYS A 74 -27.86 -20.84 -10.83
C LYS A 74 -27.79 -19.43 -10.23
N ASP A 75 -28.88 -18.80 -10.47
CA ASP A 75 -29.22 -17.36 -10.12
C ASP A 75 -28.18 -16.39 -10.77
N ASN A 76 -27.70 -16.78 -11.94
CA ASN A 76 -26.79 -15.91 -12.71
C ASN A 76 -25.53 -15.45 -11.96
N TRP A 77 -24.99 -16.36 -11.18
CA TRP A 77 -23.57 -16.27 -10.77
C TRP A 77 -22.79 -16.61 -12.00
N ILE A 78 -21.60 -16.03 -12.10
CA ILE A 78 -20.63 -16.45 -13.11
C ILE A 78 -19.42 -17.04 -12.37
N LYS A 79 -18.85 -18.14 -12.86
CA LYS A 79 -17.59 -18.72 -12.31
C LYS A 79 -16.60 -18.77 -13.42
N VAL A 80 -15.47 -18.11 -13.24
CA VAL A 80 -14.39 -18.20 -14.23
C VAL A 80 -13.22 -18.90 -13.57
N THR A 81 -12.66 -19.86 -14.27
CA THR A 81 -11.53 -20.73 -13.79
C THR A 81 -10.42 -20.72 -14.83
N ASP A 82 -9.16 -20.43 -14.42
CA ASP A 82 -8.03 -20.69 -15.31
C ASP A 82 -7.02 -21.59 -14.63
N ASN A 83 -6.16 -22.22 -15.44
CA ASN A 83 -5.05 -23.06 -14.89
C ASN A 83 -3.72 -22.31 -14.95
N GLY A 84 -3.72 -21.04 -14.63
CA GLY A 84 -2.43 -20.29 -14.58
C GLY A 84 -1.74 -20.50 -13.25
N ARG A 85 -0.87 -19.57 -12.89
CA ARG A 85 -0.05 -19.73 -11.72
C ARG A 85 -0.77 -19.61 -10.43
N GLY A 86 -1.95 -19.05 -10.49
CA GLY A 86 -2.63 -18.65 -9.21
C GLY A 86 -2.26 -17.26 -8.83
N ILE A 87 -3.24 -16.38 -8.52
CA ILE A 87 -2.90 -15.03 -8.14
C ILE A 87 -2.08 -15.08 -6.83
N PRO A 88 -0.95 -14.31 -6.74
CA PRO A 88 -0.09 -14.50 -5.57
C PRO A 88 -0.75 -14.04 -4.31
N VAL A 89 -0.30 -14.66 -3.23
CA VAL A 89 -0.86 -14.43 -1.94
C VAL A 89 0.09 -13.72 -0.89
N ASP A 90 1.29 -13.40 -1.33
CA ASP A 90 2.36 -12.88 -0.49
C ASP A 90 1.94 -11.48 -0.10
N ILE A 91 2.43 -11.02 1.03
CA ILE A 91 1.99 -9.74 1.58
C ILE A 91 2.66 -8.69 0.71
N GLN A 92 1.83 -7.75 0.26
CA GLN A 92 2.12 -6.78 -0.85
C GLN A 92 2.58 -5.55 -0.04
N GLU A 93 3.69 -4.98 -0.50
CA GLU A 93 4.58 -4.11 0.31
C GLU A 93 3.91 -2.78 0.59
N LYS A 94 3.20 -2.26 -0.42
CA LYS A 94 2.54 -0.97 -0.25
C LYS A 94 1.16 -1.02 0.47
N MET A 95 0.44 -2.16 0.37
CA MET A 95 -0.81 -2.39 1.13
C MET A 95 -0.73 -3.11 2.51
N GLY A 96 0.30 -3.91 2.82
CA GLY A 96 0.31 -4.67 4.11
C GLY A 96 -0.69 -5.90 4.03
N ARG A 97 -1.14 -6.19 2.81
CA ARG A 97 -2.26 -7.14 2.55
C ARG A 97 -1.78 -8.09 1.50
N PRO A 98 -2.38 -9.31 1.46
CA PRO A 98 -2.06 -10.26 0.42
C PRO A 98 -2.28 -9.67 -0.95
N ALA A 99 -1.39 -10.04 -1.84
CA ALA A 99 -1.40 -9.55 -3.24
C ALA A 99 -2.77 -9.78 -3.91
N VAL A 100 -3.35 -10.94 -3.69
CA VAL A 100 -4.69 -11.27 -4.30
C VAL A 100 -5.72 -10.34 -3.80
N GLU A 101 -5.69 -9.97 -2.54
CA GLU A 101 -6.60 -8.97 -2.02
C GLU A 101 -6.42 -7.61 -2.67
N VAL A 102 -5.18 -7.21 -2.89
CA VAL A 102 -4.97 -5.90 -3.58
C VAL A 102 -5.55 -5.88 -5.04
N ILE A 103 -5.28 -6.98 -5.77
CA ILE A 103 -5.64 -7.08 -7.14
C ILE A 103 -7.20 -7.08 -7.22
N LEU A 104 -7.83 -7.83 -6.33
CA LEU A 104 -9.28 -7.96 -6.41
C LEU A 104 -10.04 -6.81 -5.84
N THR A 105 -9.57 -6.12 -4.79
CA THR A 105 -10.19 -4.87 -4.36
C THR A 105 -9.93 -3.68 -5.27
N SER A 106 -9.08 -3.81 -6.34
CA SER A 106 -8.89 -2.78 -7.35
CA SER A 106 -8.86 -2.81 -7.37
C SER A 106 -9.64 -3.18 -8.65
N SER A 107 -10.43 -4.26 -8.63
CA SER A 107 -11.20 -4.74 -9.76
C SER A 107 -12.55 -4.11 -9.87
N VAL A 108 -12.87 -3.61 -11.06
CA VAL A 108 -14.19 -3.05 -11.36
CA VAL A 108 -14.22 -3.07 -11.34
C VAL A 108 -15.32 -4.16 -11.20
N VAL A 109 -15.00 -5.38 -11.59
CA VAL A 109 -15.96 -6.51 -11.45
C VAL A 109 -16.33 -6.65 -10.03
N ASN A 110 -15.33 -6.59 -9.10
CA ASN A 110 -15.59 -6.80 -7.67
C ASN A 110 -16.42 -5.70 -7.16
N ALA A 111 -16.04 -4.43 -7.48
CA ALA A 111 -16.85 -3.26 -7.05
C ALA A 111 -18.34 -3.30 -7.50
N LEU A 112 -18.55 -3.87 -8.67
CA LEU A 112 -19.87 -3.92 -9.27
C LEU A 112 -20.61 -5.26 -9.07
N SER A 113 -20.10 -6.08 -8.16
CA SER A 113 -20.71 -7.36 -7.78
C SER A 113 -21.26 -7.25 -6.40
N GLN A 114 -22.46 -7.75 -6.17
CA GLN A 114 -22.95 -7.88 -4.81
CA GLN A 114 -22.92 -7.81 -4.79
C GLN A 114 -22.13 -8.78 -3.96
N ASP A 115 -21.62 -9.86 -4.60
CA ASP A 115 -20.78 -10.81 -3.92
C ASP A 115 -19.73 -11.35 -4.93
N LEU A 116 -18.52 -11.61 -4.44
CA LEU A 116 -17.47 -12.14 -5.27
C LEU A 116 -16.65 -13.03 -4.41
N GLU A 117 -16.23 -14.19 -4.96
CA GLU A 117 -15.42 -15.18 -4.22
CA GLU A 117 -15.33 -15.01 -4.20
C GLU A 117 -14.16 -15.44 -5.08
N VAL A 118 -12.99 -15.63 -4.44
CA VAL A 118 -11.85 -16.08 -5.14
C VAL A 118 -11.39 -17.37 -4.51
N TYR A 119 -10.87 -18.37 -5.30
CA TYR A 119 -10.17 -19.51 -4.75
C TYR A 119 -8.87 -19.60 -5.53
N VAL A 120 -7.74 -19.50 -4.82
CA VAL A 120 -6.44 -19.62 -5.51
C VAL A 120 -5.76 -20.95 -5.13
N HIS A 121 -5.35 -21.68 -6.15
CA HIS A 121 -4.58 -22.86 -6.05
C HIS A 121 -3.12 -22.48 -6.33
N ARG A 122 -2.26 -22.53 -5.29
CA ARG A 122 -0.92 -22.03 -5.44
C ARG A 122 -0.11 -22.61 -4.22
N ASN A 123 1.16 -22.90 -4.38
CA ASN A 123 1.99 -23.35 -3.25
C ASN A 123 1.33 -24.60 -2.57
N GLU A 124 0.74 -25.49 -3.35
CA GLU A 124 0.07 -26.71 -2.91
CA GLU A 124 0.10 -26.73 -2.88
C GLU A 124 -1.04 -26.47 -1.91
N THR A 125 -1.57 -25.26 -1.94
CA THR A 125 -2.55 -24.77 -1.02
C THR A 125 -3.73 -24.11 -1.72
N ILE A 126 -4.92 -24.25 -1.13
CA ILE A 126 -6.07 -23.52 -1.70
C ILE A 126 -6.39 -22.40 -0.76
N TYR A 127 -6.41 -21.15 -1.24
CA TYR A 127 -6.67 -19.97 -0.48
C TYR A 127 -8.03 -19.41 -0.91
N HIS A 128 -8.81 -18.84 0.03
CA HIS A 128 -10.12 -18.30 -0.29
C HIS A 128 -10.34 -16.96 0.35
N GLN A 129 -11.01 -16.07 -0.35
CA GLN A 129 -11.49 -14.82 0.19
C GLN A 129 -12.81 -14.53 -0.46
N ALA A 130 -13.66 -13.84 0.24
CA ALA A 130 -14.93 -13.34 -0.32
C ALA A 130 -15.10 -11.89 -0.03
N TYR A 131 -15.90 -11.26 -0.87
CA TYR A 131 -16.07 -9.82 -0.95
C TYR A 131 -17.54 -9.51 -1.19
N LYS A 132 -17.95 -8.30 -0.74
CA LYS A 132 -19.21 -7.72 -1.09
C LYS A 132 -19.04 -6.27 -1.51
N LYS A 133 -19.37 -5.98 -2.78
CA LYS A 133 -19.24 -4.64 -3.44
C LYS A 133 -17.78 -4.21 -3.33
N GLY A 134 -16.89 -5.20 -3.35
CA GLY A 134 -15.46 -4.97 -3.31
C GLY A 134 -14.82 -5.07 -1.96
N VAL A 135 -15.65 -5.08 -0.94
CA VAL A 135 -15.12 -5.06 0.42
C VAL A 135 -14.85 -6.48 0.93
N PRO A 136 -13.63 -6.81 1.35
CA PRO A 136 -13.37 -8.16 1.83
C PRO A 136 -14.19 -8.45 3.02
N GLN A 137 -14.76 -9.64 3.10
CA GLN A 137 -15.61 -10.10 4.25
C GLN A 137 -14.83 -10.75 5.38
N PHE A 138 -13.57 -11.12 5.13
CA PHE A 138 -12.69 -11.82 6.01
C PHE A 138 -11.31 -11.79 5.39
N ASP A 139 -10.25 -11.98 6.22
CA ASP A 139 -8.92 -12.14 5.69
C ASP A 139 -8.80 -13.42 4.86
N LEU A 140 -7.93 -13.29 3.87
CA LEU A 140 -7.56 -14.45 2.99
C LEU A 140 -7.22 -15.68 3.87
N LYS A 141 -7.83 -16.78 3.55
CA LYS A 141 -7.59 -17.99 4.32
C LYS A 141 -7.23 -19.19 3.55
N GLU A 142 -6.36 -19.99 4.18
CA GLU A 142 -6.09 -21.32 3.72
C GLU A 142 -7.24 -22.25 4.03
N VAL A 143 -7.79 -22.88 3.00
CA VAL A 143 -8.97 -23.78 3.16
C VAL A 143 -8.75 -25.22 2.77
N GLY A 144 -7.66 -25.47 2.16
CA GLY A 144 -7.40 -26.82 1.67
C GLY A 144 -6.05 -26.97 1.02
N THR A 145 -5.84 -28.13 0.39
CA THR A 145 -4.61 -28.47 -0.33
C THR A 145 -4.87 -28.82 -1.76
N THR A 146 -3.80 -28.78 -2.55
CA THR A 146 -3.94 -29.00 -3.97
C THR A 146 -2.66 -29.39 -4.60
N ASP A 147 -2.78 -30.12 -5.74
CA ASP A 147 -1.58 -30.37 -6.52
C ASP A 147 -1.66 -29.64 -7.87
N LYS A 148 -2.58 -28.68 -8.02
CA LYS A 148 -2.77 -27.87 -9.23
C LYS A 148 -2.43 -26.44 -8.92
N THR A 149 -2.35 -25.65 -10.01
CA THR A 149 -2.29 -24.19 -9.88
C THR A 149 -3.37 -23.59 -10.68
N GLY A 150 -3.87 -22.45 -10.23
CA GLY A 150 -4.85 -21.69 -11.01
C GLY A 150 -5.70 -20.90 -10.10
N THR A 151 -6.65 -20.23 -10.72
CA THR A 151 -7.47 -19.24 -10.01
C THR A 151 -8.92 -19.46 -10.40
N VAL A 152 -9.84 -19.36 -9.39
CA VAL A 152 -11.27 -19.42 -9.64
C VAL A 152 -11.83 -18.16 -9.11
N ILE A 153 -12.63 -17.44 -9.89
CA ILE A 153 -13.42 -16.25 -9.41
C ILE A 153 -14.90 -16.54 -9.68
N ARG A 154 -15.75 -16.42 -8.69
CA ARG A 154 -17.21 -16.48 -8.84
C ARG A 154 -17.81 -15.20 -8.37
N PHE A 155 -18.72 -14.62 -9.16
CA PHE A 155 -19.33 -13.36 -8.82
C PHE A 155 -20.79 -13.31 -9.22
N LYS A 156 -21.49 -12.45 -8.45
CA LYS A 156 -22.85 -12.14 -8.69
C LYS A 156 -22.98 -10.61 -8.92
N ALA A 157 -23.38 -10.28 -10.16
CA ALA A 157 -23.51 -8.88 -10.56
C ALA A 157 -24.47 -8.16 -9.62
N ASP A 158 -24.15 -6.93 -9.23
CA ASP A 158 -25.00 -6.17 -8.35
C ASP A 158 -26.22 -5.56 -9.01
N GLY A 159 -27.41 -6.02 -8.67
CA GLY A 159 -28.64 -5.49 -9.28
C GLY A 159 -28.98 -4.04 -8.92
N GLU A 160 -28.27 -3.49 -7.92
CA GLU A 160 -28.32 -2.05 -7.69
C GLU A 160 -27.60 -1.25 -8.76
N ILE A 161 -26.63 -1.83 -9.46
CA ILE A 161 -25.86 -1.19 -10.58
C ILE A 161 -26.58 -1.55 -11.89
N PHE A 162 -26.80 -2.88 -12.10
CA PHE A 162 -27.32 -3.40 -13.33
C PHE A 162 -28.79 -3.44 -13.17
N THR A 163 -29.41 -2.31 -13.32
CA THR A 163 -30.84 -2.15 -12.90
C THR A 163 -31.79 -2.70 -13.92
N GLU A 164 -31.41 -2.80 -15.19
CA GLU A 164 -32.27 -3.42 -16.18
CA GLU A 164 -32.24 -3.39 -16.23
C GLU A 164 -32.32 -4.94 -16.15
N THR A 165 -31.18 -5.55 -16.06
CA THR A 165 -31.12 -7.02 -16.02
C THR A 165 -29.77 -7.51 -15.47
N THR A 166 -29.82 -8.57 -14.73
CA THR A 166 -28.64 -9.35 -14.40
C THR A 166 -28.66 -10.77 -14.89
N VAL A 167 -29.41 -11.00 -15.99
CA VAL A 167 -29.51 -12.27 -16.64
C VAL A 167 -28.63 -12.32 -17.86
N TYR A 168 -27.70 -13.29 -17.84
CA TYR A 168 -26.80 -13.39 -19.00
C TYR A 168 -27.45 -14.07 -20.19
N ASN A 169 -26.91 -13.81 -21.34
CA ASN A 169 -27.40 -14.35 -22.61
C ASN A 169 -26.36 -15.37 -23.12
N TYR A 170 -26.69 -16.66 -23.12
CA TYR A 170 -25.68 -17.68 -23.53
C TYR A 170 -25.11 -17.38 -24.86
N GLU A 171 -25.97 -17.04 -25.82
CA GLU A 171 -25.46 -16.78 -27.18
C GLU A 171 -24.43 -15.65 -27.25
N THR A 172 -24.70 -14.57 -26.50
CA THR A 172 -23.73 -13.49 -26.37
C THR A 172 -22.35 -13.93 -25.85
N LEU A 173 -22.43 -14.66 -24.77
CA LEU A 173 -21.22 -15.30 -24.17
C LEU A 173 -20.52 -16.24 -25.13
N GLN A 174 -21.31 -17.04 -25.80
CA GLN A 174 -20.77 -18.06 -26.72
CA GLN A 174 -20.78 -18.03 -26.77
C GLN A 174 -20.05 -17.37 -27.88
N GLN A 175 -20.65 -16.35 -28.47
CA GLN A 175 -20.06 -15.73 -29.67
CA GLN A 175 -20.07 -15.73 -29.66
C GLN A 175 -18.71 -15.09 -29.32
N ARG A 176 -18.64 -14.44 -28.15
CA ARG A 176 -17.41 -13.76 -27.82
CA ARG A 176 -17.43 -13.74 -27.75
C ARG A 176 -16.35 -14.77 -27.35
N ILE A 177 -16.75 -15.80 -26.63
CA ILE A 177 -15.82 -16.84 -26.23
C ILE A 177 -15.19 -17.50 -27.47
N ARG A 178 -16.03 -17.83 -28.44
CA ARG A 178 -15.57 -18.46 -29.64
C ARG A 178 -14.51 -17.51 -30.32
N GLU A 179 -14.85 -16.23 -30.41
CA GLU A 179 -13.92 -15.22 -31.00
CA GLU A 179 -13.90 -15.24 -30.99
C GLU A 179 -12.59 -15.19 -30.23
N LEU A 180 -12.68 -15.13 -28.90
CA LEU A 180 -11.48 -15.04 -28.07
C LEU A 180 -10.58 -16.29 -28.25
N ALA A 181 -11.20 -17.48 -28.35
CA ALA A 181 -10.38 -18.68 -28.58
C ALA A 181 -9.73 -18.66 -30.03
N PHE A 182 -10.51 -18.17 -31.03
CA PHE A 182 -9.99 -18.05 -32.37
C PHE A 182 -8.81 -17.09 -32.38
N LEU A 183 -8.89 -16.02 -31.66
CA LEU A 183 -7.83 -14.99 -31.70
C LEU A 183 -6.62 -15.39 -30.90
N ASN A 184 -6.85 -16.13 -29.83
CA ASN A 184 -5.79 -16.54 -28.89
C ASN A 184 -5.53 -18.04 -29.06
N LYS A 185 -4.92 -18.36 -30.18
CA LYS A 185 -4.78 -19.77 -30.60
C LYS A 185 -4.03 -20.63 -29.54
N GLY A 186 -4.54 -21.80 -29.20
CA GLY A 186 -3.91 -22.63 -28.17
C GLY A 186 -4.59 -22.63 -26.85
N ILE A 187 -5.47 -21.68 -26.62
CA ILE A 187 -6.14 -21.68 -25.33
C ILE A 187 -7.47 -22.37 -25.44
N GLN A 188 -7.74 -23.34 -24.60
CA GLN A 188 -9.01 -24.01 -24.61
C GLN A 188 -9.98 -23.16 -23.80
N ILE A 189 -11.09 -22.73 -24.35
CA ILE A 189 -12.07 -21.95 -23.59
C ILE A 189 -13.44 -22.58 -23.66
N THR A 190 -13.98 -22.88 -22.47
CA THR A 190 -15.22 -23.61 -22.35
C THR A 190 -16.29 -22.76 -21.71
N LEU A 191 -17.46 -22.77 -22.27
CA LEU A 191 -18.67 -22.10 -21.71
C LEU A 191 -19.65 -23.14 -21.32
N ARG A 192 -20.19 -23.04 -20.10
CA ARG A 192 -21.24 -23.97 -19.70
C ARG A 192 -22.36 -23.23 -19.07
N ASP A 193 -23.63 -23.61 -19.38
CA ASP A 193 -24.82 -23.00 -18.70
C ASP A 193 -25.42 -24.00 -17.74
N GLU A 194 -25.32 -23.84 -16.42
CA GLU A 194 -25.86 -24.72 -15.39
C GLU A 194 -27.06 -24.07 -14.72
N ARG A 195 -27.67 -23.07 -15.32
CA ARG A 195 -28.81 -22.42 -14.68
C ARG A 195 -30.02 -23.35 -14.55
N ASP A 196 -30.27 -24.17 -15.56
CA ASP A 196 -31.32 -25.21 -15.51
C ASP A 196 -30.60 -26.56 -15.37
N GLU A 197 -30.57 -27.08 -14.17
CA GLU A 197 -29.86 -28.35 -13.89
C GLU A 197 -30.45 -29.51 -14.71
N GLU A 198 -31.70 -29.39 -15.22
CA GLU A 198 -32.23 -30.47 -16.04
CA GLU A 198 -32.20 -30.49 -16.05
C GLU A 198 -31.71 -30.46 -17.50
N ASN A 199 -31.15 -29.33 -17.97
CA ASN A 199 -30.70 -29.18 -19.36
C ASN A 199 -29.45 -28.29 -19.40
N VAL A 200 -28.31 -28.91 -19.32
CA VAL A 200 -26.99 -28.23 -19.24
C VAL A 200 -26.38 -28.19 -20.59
N ARG A 201 -25.91 -27.07 -21.02
CA ARG A 201 -25.35 -26.86 -22.32
C ARG A 201 -23.95 -26.41 -22.19
N GLU A 202 -23.08 -27.01 -22.98
CA GLU A 202 -21.66 -26.61 -23.00
C GLU A 202 -21.13 -26.46 -24.42
N ASP A 203 -20.29 -25.47 -24.64
CA ASP A 203 -19.55 -25.31 -25.85
C ASP A 203 -18.08 -25.20 -25.46
N SER A 204 -17.15 -25.87 -26.16
CA SER A 204 -15.75 -25.75 -25.85
CA SER A 204 -15.72 -25.71 -25.86
C SER A 204 -14.93 -25.47 -27.07
N TYR A 205 -14.05 -24.47 -27.02
CA TYR A 205 -13.33 -23.97 -28.21
C TYR A 205 -11.84 -24.10 -27.98
N HIS A 206 -11.12 -24.57 -29.02
CA HIS A 206 -9.75 -24.74 -28.94
C HIS A 206 -9.15 -24.76 -30.34
N TYR A 207 -8.57 -23.65 -30.73
CA TYR A 207 -8.05 -23.45 -32.10
C TYR A 207 -6.54 -23.81 -32.11
N GLU A 208 -6.16 -24.67 -33.04
CA GLU A 208 -4.79 -25.26 -33.12
C GLU A 208 -3.99 -25.55 -31.85
N GLN B 21 13.42 -8.05 2.71
CA GLN B 21 12.12 -7.48 3.16
C GLN B 21 12.18 -6.09 3.85
N VAL B 22 13.25 -5.86 4.62
CA VAL B 22 13.54 -4.48 5.07
C VAL B 22 13.84 -3.70 3.81
N LEU B 23 14.75 -4.20 2.96
CA LEU B 23 15.07 -3.59 1.67
C LEU B 23 13.89 -3.36 0.69
N GLU B 24 12.97 -4.31 0.64
CA GLU B 24 11.74 -4.17 -0.09
C GLU B 24 10.96 -2.96 0.39
N GLY B 25 10.91 -2.84 1.73
CA GLY B 25 10.10 -1.87 2.45
C GLY B 25 10.67 -0.47 2.11
N LEU B 26 11.98 -0.35 2.05
CA LEU B 26 12.63 0.91 1.74
C LEU B 26 12.34 1.29 0.26
N GLU B 27 12.37 0.28 -0.60
CA GLU B 27 12.14 0.48 -2.05
C GLU B 27 10.72 0.94 -2.32
N ALA B 28 9.78 0.35 -1.60
CA ALA B 28 8.39 0.72 -1.74
C ALA B 28 8.04 2.14 -1.36
N VAL B 29 8.56 2.55 -0.19
CA VAL B 29 8.39 3.95 0.22
C VAL B 29 9.00 4.86 -0.82
N ARG B 30 10.18 4.54 -1.36
CA ARG B 30 10.84 5.40 -2.27
C ARG B 30 10.08 5.50 -3.62
N LYS B 31 9.33 4.44 -3.94
CA LYS B 31 8.53 4.37 -5.19
CA LYS B 31 8.52 4.31 -5.18
C LYS B 31 7.20 5.08 -5.00
N ARG B 32 6.62 5.10 -3.82
CA ARG B 32 5.36 5.78 -3.65
C ARG B 32 5.40 6.74 -2.44
N PRO B 33 6.32 7.74 -2.50
CA PRO B 33 6.44 8.62 -1.28
C PRO B 33 5.21 9.32 -0.86
N GLY B 34 4.34 9.67 -1.82
CA GLY B 34 3.09 10.37 -1.47
C GLY B 34 2.10 9.58 -0.70
N MET B 35 2.17 8.24 -0.78
CA MET B 35 1.32 7.37 0.04
CA MET B 35 1.31 7.37 0.02
C MET B 35 1.67 7.48 1.54
N TYR B 36 2.89 7.98 1.85
CA TYR B 36 3.39 8.01 3.24
C TYR B 36 3.53 9.40 3.75
N ILE B 37 3.94 10.35 2.90
CA ILE B 37 4.10 11.74 3.31
C ILE B 37 3.21 12.74 2.58
N GLY B 38 2.22 12.27 1.81
CA GLY B 38 1.34 13.20 1.07
C GLY B 38 1.76 13.63 -0.31
N SER B 39 3.00 14.06 -0.51
CA SER B 39 3.46 14.55 -1.76
C SER B 39 4.97 14.68 -1.68
N THR B 40 5.59 14.91 -2.82
CA THR B 40 7.06 15.22 -2.95
C THR B 40 7.38 16.71 -3.12
N SER B 41 6.35 17.58 -2.96
CA SER B 41 6.40 19.03 -3.12
C SER B 41 7.06 19.59 -1.81
N GLU B 42 7.10 20.91 -1.67
CA GLU B 42 7.54 21.56 -0.38
C GLU B 42 6.78 21.04 0.82
N ARG B 43 5.49 20.80 0.72
CA ARG B 43 4.71 20.20 1.77
C ARG B 43 5.23 18.86 2.21
N GLY B 44 5.62 18.02 1.26
CA GLY B 44 6.20 16.71 1.59
C GLY B 44 7.53 16.86 2.30
N LEU B 45 8.36 17.76 1.80
CA LEU B 45 9.62 18.01 2.39
C LEU B 45 9.41 18.32 3.91
N HIS B 46 8.52 19.26 4.20
CA HIS B 46 8.30 19.65 5.61
C HIS B 46 7.70 18.51 6.48
N HIS B 47 6.99 17.56 5.85
CA HIS B 47 6.38 16.48 6.53
C HIS B 47 7.46 15.53 7.08
N LEU B 48 8.68 15.52 6.50
CA LEU B 48 9.78 14.68 7.03
C LEU B 48 10.12 15.17 8.45
N VAL B 49 10.13 16.50 8.60
CA VAL B 49 10.30 17.07 9.95
C VAL B 49 9.26 16.63 10.88
N TRP B 50 7.99 16.71 10.47
CA TRP B 50 6.90 16.40 11.36
C TRP B 50 6.92 14.93 11.76
N GLU B 51 7.39 14.06 10.89
CA GLU B 51 7.46 12.64 11.31
C GLU B 51 8.43 12.45 12.47
N ILE B 52 9.62 13.04 12.33
CA ILE B 52 10.61 12.85 13.40
C ILE B 52 10.18 13.56 14.68
N VAL B 53 9.69 14.83 14.52
CA VAL B 53 9.25 15.60 15.68
C VAL B 53 8.14 14.83 16.39
N ASP B 54 7.22 14.23 15.60
CA ASP B 54 6.15 13.43 16.20
CA ASP B 54 6.15 13.44 16.20
C ASP B 54 6.64 12.31 17.11
N ASN B 55 7.73 11.68 16.73
CA ASN B 55 8.29 10.66 17.55
C ASN B 55 8.82 11.18 18.85
N SER B 56 9.44 12.39 18.80
CA SER B 56 9.83 13.09 20.04
C SER B 56 8.66 13.48 20.93
N ILE B 57 7.57 13.98 20.32
CA ILE B 57 6.35 14.27 21.03
C ILE B 57 5.79 12.99 21.70
N ASP B 58 5.86 11.85 21.01
CA ASP B 58 5.42 10.58 21.64
C ASP B 58 6.19 10.28 22.92
N GLU B 59 7.51 10.55 22.87
CA GLU B 59 8.33 10.40 23.99
C GLU B 59 8.01 11.33 25.12
N ALA B 60 7.61 12.55 24.83
CA ALA B 60 7.13 13.49 25.82
C ALA B 60 5.76 12.97 26.37
N LEU B 61 4.91 12.52 25.50
CA LEU B 61 3.59 11.97 25.95
C LEU B 61 3.76 10.76 26.88
N ALA B 62 4.76 9.98 26.66
CA ALA B 62 5.07 8.83 27.48
C ALA B 62 5.60 9.26 28.85
N GLY B 63 6.03 10.52 29.04
CA GLY B 63 6.48 11.08 30.28
C GLY B 63 7.93 11.24 30.47
N TYR B 64 8.74 11.05 29.41
CA TYR B 64 10.18 11.02 29.62
C TYR B 64 10.97 12.14 28.95
N ALA B 65 10.41 12.88 28.00
CA ALA B 65 11.10 14.02 27.39
C ALA B 65 10.32 15.31 27.77
N ASN B 66 11.06 16.37 28.00
CA ASN B 66 10.43 17.70 28.07
C ASN B 66 11.12 18.85 27.31
N GLN B 67 12.06 18.48 26.42
CA GLN B 67 12.70 19.40 25.57
C GLN B 67 12.92 18.75 24.22
N ILE B 68 12.56 19.52 23.21
CA ILE B 68 12.71 19.10 21.80
C ILE B 68 13.31 20.26 21.04
N GLU B 69 14.31 20.00 20.23
CA GLU B 69 14.98 21.03 19.43
C GLU B 69 15.01 20.61 18.00
N VAL B 70 14.66 21.52 17.11
CA VAL B 70 14.72 21.35 15.67
C VAL B 70 15.68 22.38 15.08
N VAL B 71 16.71 21.90 14.38
CA VAL B 71 17.72 22.83 13.81
C VAL B 71 17.75 22.65 12.32
N ILE B 72 17.70 23.76 11.57
CA ILE B 72 17.93 23.73 10.11
C ILE B 72 19.39 24.05 9.96
N GLU B 73 20.11 23.03 9.49
CA GLU B 73 21.56 23.06 9.40
C GLU B 73 22.01 23.34 7.98
N LYS B 74 23.29 23.74 7.88
CA LYS B 74 23.88 23.96 6.61
C LYS B 74 23.49 22.89 5.60
N ASP B 75 23.22 23.32 4.37
CA ASP B 75 22.78 22.43 3.28
C ASP B 75 21.46 21.74 3.55
N ASN B 76 20.59 22.37 4.40
CA ASN B 76 19.24 21.89 4.59
C ASN B 76 19.27 20.44 5.11
N TRP B 77 20.27 20.14 5.92
CA TRP B 77 20.05 19.10 6.89
C TRP B 77 19.09 19.55 7.99
N ILE B 78 18.41 18.60 8.60
CA ILE B 78 17.57 18.87 9.75
C ILE B 78 18.19 18.08 10.83
N LYS B 79 18.23 18.65 12.05
CA LYS B 79 18.61 17.93 13.26
C LYS B 79 17.50 18.06 14.20
N VAL B 80 16.98 16.93 14.73
CA VAL B 80 16.00 16.93 15.84
C VAL B 80 16.61 16.25 17.01
N THR B 81 16.48 16.82 18.18
CA THR B 81 16.97 16.27 19.45
C THR B 81 15.81 16.22 20.42
N ASP B 82 15.72 15.15 21.19
CA ASP B 82 14.87 15.20 22.37
C ASP B 82 15.68 14.64 23.55
N ASN B 83 15.24 14.99 24.77
CA ASN B 83 15.83 14.52 25.96
C ASN B 83 15.07 13.37 26.66
N GLY B 84 14.55 12.46 25.85
CA GLY B 84 13.82 11.32 26.38
C GLY B 84 14.77 10.22 26.72
N ARG B 85 14.26 8.97 26.61
CA ARG B 85 15.07 7.81 27.18
C ARG B 85 16.20 7.40 26.24
N GLY B 86 16.19 7.79 25.00
CA GLY B 86 17.08 7.28 24.00
C GLY B 86 16.55 6.02 23.37
N ILE B 87 16.56 5.95 22.05
CA ILE B 87 15.97 4.77 21.32
C ILE B 87 16.76 3.54 21.76
N PRO B 88 16.09 2.41 22.13
CA PRO B 88 16.87 1.30 22.62
C PRO B 88 17.85 0.73 21.59
N VAL B 89 18.91 0.16 22.16
CA VAL B 89 19.98 -0.38 21.32
C VAL B 89 20.12 -1.90 21.44
N ASP B 90 19.39 -2.50 22.39
CA ASP B 90 19.32 -3.97 22.59
CA ASP B 90 19.52 -3.95 22.55
C ASP B 90 19.04 -4.73 21.31
N ILE B 91 19.64 -5.91 21.16
CA ILE B 91 19.56 -6.70 19.96
C ILE B 91 18.24 -7.33 19.97
N GLN B 92 17.53 -7.10 18.88
CA GLN B 92 16.26 -7.82 18.61
C GLN B 92 16.47 -9.30 18.39
N GLU B 93 15.82 -10.04 19.30
CA GLU B 93 16.07 -11.48 19.51
C GLU B 93 15.15 -12.25 18.58
N LYS B 94 15.15 -11.76 17.35
CA LYS B 94 13.97 -11.55 16.53
C LYS B 94 14.49 -11.17 15.13
N MET B 95 15.10 -9.99 15.04
CA MET B 95 15.78 -9.51 13.83
C MET B 95 17.28 -9.79 13.87
N GLY B 96 17.84 -9.97 15.05
CA GLY B 96 19.28 -10.18 15.12
C GLY B 96 20.01 -8.85 15.00
N ARG B 97 19.31 -7.73 15.18
CA ARG B 97 19.94 -6.39 14.97
C ARG B 97 19.53 -5.47 16.13
N PRO B 98 20.32 -4.40 16.42
CA PRO B 98 19.85 -3.44 17.43
C PRO B 98 18.50 -2.83 17.14
N ALA B 99 17.75 -2.64 18.22
CA ALA B 99 16.37 -2.09 18.12
C ALA B 99 16.40 -0.78 17.32
N VAL B 100 17.37 0.11 17.65
CA VAL B 100 17.41 1.41 16.88
C VAL B 100 17.53 1.23 15.34
N GLU B 101 18.36 0.23 14.93
CA GLU B 101 18.57 -0.05 13.55
C GLU B 101 17.25 -0.57 12.91
N VAL B 102 16.57 -1.47 13.59
CA VAL B 102 15.31 -1.98 13.08
C VAL B 102 14.26 -0.82 12.93
N ILE B 103 14.20 0.02 13.96
CA ILE B 103 13.29 1.12 13.94
C ILE B 103 13.60 2.05 12.76
N LEU B 104 14.88 2.48 12.67
CA LEU B 104 15.28 3.47 11.64
C LEU B 104 15.25 2.96 10.20
N THR B 105 15.51 1.69 10.03
CA THR B 105 15.48 1.16 8.67
C THR B 105 14.00 0.87 8.30
N SER B 106 12.95 1.06 9.13
CA SER B 106 11.49 1.01 8.89
C SER B 106 10.94 2.41 8.83
N SER B 107 11.82 3.42 8.91
CA SER B 107 11.36 4.78 8.93
C SER B 107 11.21 5.33 7.52
N VAL B 108 10.06 5.97 7.30
CA VAL B 108 9.78 6.70 6.03
C VAL B 108 10.85 7.81 5.78
N VAL B 109 11.20 8.52 6.83
CA VAL B 109 12.13 9.62 6.66
C VAL B 109 13.51 9.14 6.19
N ASN B 110 13.95 8.06 6.82
CA ASN B 110 15.24 7.49 6.41
C ASN B 110 15.23 7.01 5.00
N ALA B 111 14.16 6.34 4.64
CA ALA B 111 14.03 5.88 3.20
C ALA B 111 14.10 7.03 2.20
N LEU B 112 13.55 8.20 2.57
CA LEU B 112 13.42 9.36 1.70
C LEU B 112 14.59 10.38 1.94
N SER B 113 15.60 9.99 2.70
CA SER B 113 16.77 10.76 2.97
C SER B 113 17.94 10.24 2.26
N GLN B 114 18.69 11.12 1.61
CA GLN B 114 19.94 10.70 1.01
CA GLN B 114 20.00 10.83 1.06
C GLN B 114 20.94 10.27 2.12
N ASP B 115 20.91 10.88 3.32
CA ASP B 115 21.82 10.54 4.36
C ASP B 115 21.01 10.81 5.67
N LEU B 116 21.12 9.89 6.62
CA LEU B 116 20.55 10.09 7.95
C LEU B 116 21.55 9.57 8.97
N GLU B 117 21.65 10.25 10.12
CA GLU B 117 22.55 9.87 11.23
C GLU B 117 21.70 9.80 12.49
N VAL B 118 22.02 8.89 13.35
CA VAL B 118 21.41 8.87 14.68
C VAL B 118 22.47 8.88 15.74
N TYR B 119 22.27 9.56 16.89
CA TYR B 119 23.10 9.45 18.04
C TYR B 119 22.18 9.20 19.18
N VAL B 120 22.32 8.09 19.84
CA VAL B 120 21.55 7.76 21.01
C VAL B 120 22.38 7.99 22.21
N HIS B 121 21.87 8.69 23.21
CA HIS B 121 22.48 8.83 24.55
C HIS B 121 21.65 7.96 25.47
N ARG B 122 22.25 6.85 25.95
CA ARG B 122 21.57 5.87 26.78
C ARG B 122 22.64 4.98 27.45
N ASN B 123 22.31 4.46 28.62
CA ASN B 123 23.24 3.45 29.29
C ASN B 123 24.61 4.17 29.51
N GLU B 124 24.63 5.45 29.73
CA GLU B 124 25.88 6.30 29.92
C GLU B 124 26.82 6.20 28.68
N THR B 125 26.23 5.90 27.51
CA THR B 125 26.96 5.65 26.26
C THR B 125 26.36 6.49 25.15
N ILE B 126 27.19 6.91 24.18
CA ILE B 126 26.66 7.48 22.96
C ILE B 126 26.82 6.50 21.83
N TYR B 127 25.76 6.11 21.13
CA TYR B 127 25.75 5.14 20.07
C TYR B 127 25.44 5.86 18.81
N HIS B 128 26.08 5.47 17.72
CA HIS B 128 25.91 6.13 16.43
C HIS B 128 25.75 5.19 15.28
N GLN B 129 24.85 5.46 14.36
CA GLN B 129 24.74 4.76 13.08
C GLN B 129 24.40 5.78 12.01
N ALA B 130 24.81 5.52 10.78
CA ALA B 130 24.48 6.32 9.64
C ALA B 130 23.92 5.45 8.53
N TYR B 131 23.04 6.05 7.75
CA TYR B 131 22.26 5.43 6.70
C TYR B 131 22.37 6.26 5.46
N LYS B 132 22.13 5.60 4.29
CA LYS B 132 21.90 6.31 3.00
C LYS B 132 20.74 5.67 2.31
N LYS B 133 19.70 6.45 2.09
CA LYS B 133 18.40 5.94 1.56
C LYS B 133 17.84 4.80 2.35
N GLY B 134 18.08 4.88 3.70
CA GLY B 134 17.53 3.89 4.54
C GLY B 134 18.51 2.75 4.84
N VAL B 135 19.58 2.64 4.05
CA VAL B 135 20.53 1.54 4.17
C VAL B 135 21.69 1.87 5.19
N PRO B 136 21.84 1.02 6.23
CA PRO B 136 22.96 1.25 7.16
C PRO B 136 24.29 1.25 6.51
N GLN B 137 25.13 2.18 6.81
CA GLN B 137 26.45 2.28 6.23
C GLN B 137 27.47 1.54 7.00
N PHE B 138 27.19 1.22 8.22
CA PHE B 138 28.07 0.60 9.16
C PHE B 138 27.21 0.12 10.35
N ASP B 139 27.71 -0.79 11.16
CA ASP B 139 26.95 -1.28 12.31
C ASP B 139 26.90 -0.18 13.36
N LEU B 140 25.81 -0.17 14.15
CA LEU B 140 25.80 0.72 15.30
C LEU B 140 27.00 0.58 16.17
N LYS B 141 27.56 1.71 16.58
CA LYS B 141 28.82 1.70 17.34
C LYS B 141 28.84 2.69 18.45
N GLU B 142 29.58 2.38 19.48
CA GLU B 142 29.76 3.28 20.60
CA GLU B 142 29.75 3.23 20.60
C GLU B 142 30.75 4.32 20.20
N VAL B 143 30.38 5.56 20.43
CA VAL B 143 31.28 6.71 19.99
C VAL B 143 31.54 7.72 21.13
N GLY B 144 31.20 7.37 22.36
CA GLY B 144 31.34 8.28 23.48
C GLY B 144 30.69 7.83 24.76
N THR B 145 30.88 8.63 25.78
CA THR B 145 30.29 8.46 27.13
C THR B 145 29.48 9.70 27.41
N THR B 146 28.36 9.50 28.13
CA THR B 146 27.46 10.60 28.41
C THR B 146 26.82 10.41 29.77
N ASP B 147 26.33 11.52 30.32
CA ASP B 147 25.56 11.45 31.55
C ASP B 147 24.14 11.87 31.33
N LYS B 148 23.71 11.98 30.10
CA LYS B 148 22.39 12.48 29.76
C LYS B 148 21.78 11.33 28.92
N THR B 149 20.43 11.38 28.76
CA THR B 149 19.71 10.43 27.92
C THR B 149 18.83 11.22 26.96
N GLY B 150 18.77 10.72 25.73
CA GLY B 150 17.97 11.22 24.65
C GLY B 150 18.46 10.81 23.31
N THR B 151 17.87 11.37 22.26
CA THR B 151 18.12 10.94 20.89
C THR B 151 18.36 12.16 20.01
N VAL B 152 19.34 12.03 19.08
CA VAL B 152 19.53 13.00 18.08
C VAL B 152 19.38 12.29 16.72
N ILE B 153 18.60 12.86 15.82
CA ILE B 153 18.55 12.41 14.41
C ILE B 153 18.86 13.60 13.53
N ARG B 154 19.77 13.43 12.54
CA ARG B 154 19.99 14.45 11.53
C ARG B 154 19.76 13.80 10.19
N PHE B 155 19.09 14.49 9.29
CA PHE B 155 18.88 13.91 7.98
C PHE B 155 18.92 14.97 6.89
N LYS B 156 19.28 14.49 5.70
CA LYS B 156 19.30 15.31 4.53
C LYS B 156 18.32 14.67 3.54
N ALA B 157 17.19 15.34 3.27
CA ALA B 157 16.22 14.90 2.24
C ALA B 157 16.85 14.62 0.91
N ASP B 158 16.35 13.55 0.29
CA ASP B 158 16.91 13.11 -1.00
C ASP B 158 16.34 13.96 -2.16
N GLY B 159 17.26 14.67 -2.82
CA GLY B 159 16.97 15.58 -3.89
C GLY B 159 16.47 14.88 -5.14
N GLU B 160 16.70 13.57 -5.18
CA GLU B 160 16.10 12.77 -6.25
C GLU B 160 14.63 12.50 -6.04
N ILE B 161 14.17 12.54 -4.81
CA ILE B 161 12.76 12.42 -4.44
CA ILE B 161 12.76 12.45 -4.53
C ILE B 161 12.04 13.79 -4.50
N PHE B 162 12.59 14.78 -3.80
CA PHE B 162 12.00 16.07 -3.61
C PHE B 162 12.62 16.99 -4.62
N THR B 163 12.11 16.85 -5.85
CA THR B 163 12.70 17.55 -6.99
C THR B 163 12.26 19.05 -7.03
N GLU B 164 11.09 19.43 -6.46
CA GLU B 164 10.63 20.85 -6.49
C GLU B 164 11.62 21.76 -5.65
N THR B 165 11.87 21.33 -4.39
CA THR B 165 12.75 22.05 -3.53
C THR B 165 13.23 21.12 -2.39
N THR B 166 14.48 21.37 -1.96
CA THR B 166 14.99 20.76 -0.74
C THR B 166 15.25 21.86 0.29
N VAL B 167 14.70 23.06 0.11
CA VAL B 167 14.99 24.19 1.01
C VAL B 167 13.81 24.33 1.93
N TYR B 168 14.07 24.33 3.23
CA TYR B 168 13.03 24.49 4.21
C TYR B 168 12.68 25.98 4.41
N ASN B 169 11.44 26.16 4.82
CA ASN B 169 10.92 27.49 5.12
C ASN B 169 10.75 27.64 6.62
N TYR B 170 11.48 28.60 7.20
CA TYR B 170 11.48 28.78 8.62
C TYR B 170 10.12 29.06 9.18
N GLU B 171 9.35 29.94 8.51
CA GLU B 171 8.05 30.30 8.98
CA GLU B 171 8.03 30.29 9.00
C GLU B 171 7.04 29.13 9.00
N THR B 172 7.08 28.26 8.01
CA THR B 172 6.28 27.04 8.06
C THR B 172 6.59 26.17 9.28
N LEU B 173 7.90 25.94 9.53
CA LEU B 173 8.27 25.14 10.71
C LEU B 173 7.89 25.87 12.02
N GLN B 174 8.05 27.18 12.05
CA GLN B 174 7.76 28.01 13.22
C GLN B 174 6.32 27.92 13.67
N GLN B 175 5.48 28.02 12.66
CA GLN B 175 4.07 28.00 12.89
C GLN B 175 3.56 26.67 13.45
N ARG B 176 4.05 25.52 12.95
CA ARG B 176 3.61 24.24 13.46
C ARG B 176 4.23 23.94 14.82
N ILE B 177 5.49 24.34 15.00
CA ILE B 177 6.11 24.06 16.28
CA ILE B 177 6.14 24.12 16.27
C ILE B 177 5.38 24.87 17.39
N ARG B 178 4.95 26.05 17.08
CA ARG B 178 4.20 26.83 18.06
C ARG B 178 2.90 26.10 18.44
N GLU B 179 2.19 25.56 17.44
CA GLU B 179 1.01 24.70 17.65
C GLU B 179 1.31 23.48 18.44
N LEU B 180 2.42 22.77 18.14
CA LEU B 180 2.76 21.65 18.97
C LEU B 180 3.10 21.89 20.39
N ALA B 181 3.75 23.08 20.69
CA ALA B 181 4.09 23.38 21.98
C ALA B 181 2.77 23.75 22.76
N PHE B 182 1.84 24.36 22.05
CA PHE B 182 0.56 24.72 22.66
C PHE B 182 -0.29 23.47 23.01
N LEU B 183 -0.23 22.49 22.16
CA LEU B 183 -0.83 21.17 22.48
C LEU B 183 -0.15 20.40 23.63
N ASN B 184 1.14 20.65 23.84
CA ASN B 184 1.95 19.87 24.75
C ASN B 184 2.56 20.79 25.78
N LYS B 185 1.71 21.31 26.64
CA LYS B 185 2.16 22.27 27.62
C LYS B 185 3.24 21.72 28.49
N GLY B 186 4.17 22.55 28.83
CA GLY B 186 5.26 22.15 29.70
C GLY B 186 6.45 21.51 28.92
N ILE B 187 6.29 21.31 27.64
CA ILE B 187 7.45 20.85 26.79
C ILE B 187 8.03 22.05 26.10
N GLN B 188 9.32 22.21 26.18
CA GLN B 188 9.94 23.31 25.50
CA GLN B 188 10.02 23.30 25.55
C GLN B 188 10.38 22.86 24.14
N ILE B 189 9.95 23.57 23.06
CA ILE B 189 10.28 23.16 21.73
C ILE B 189 10.96 24.39 21.10
N THR B 190 12.18 24.14 20.62
CA THR B 190 13.03 25.20 20.04
C THR B 190 13.26 24.95 18.59
N LEU B 191 13.21 26.02 17.80
CA LEU B 191 13.54 25.98 16.39
C LEU B 191 14.73 26.88 16.15
N ARG B 192 15.71 26.45 15.42
CA ARG B 192 16.86 27.32 15.14
C ARG B 192 17.25 27.19 13.66
N ASP B 193 17.58 28.28 12.98
CA ASP B 193 18.13 28.22 11.58
C ASP B 193 19.59 28.53 11.64
N GLU B 194 20.45 27.57 11.32
CA GLU B 194 21.90 27.74 11.28
C GLU B 194 22.40 27.75 9.79
N ARG B 195 21.52 27.94 8.87
CA ARG B 195 21.93 27.86 7.45
C ARG B 195 22.87 29.04 7.08
N ASP B 196 22.62 30.21 7.64
CA ASP B 196 23.40 31.51 7.34
C ASP B 196 24.16 31.58 8.68
N GLU B 197 25.39 31.12 8.71
CA GLU B 197 26.23 31.06 9.95
C GLU B 197 26.49 32.42 10.56
N GLU B 198 26.40 33.46 9.74
CA GLU B 198 26.61 34.85 10.22
C GLU B 198 25.31 35.51 10.78
N ASN B 199 24.17 34.82 10.61
CA ASN B 199 22.89 35.36 10.95
CA ASN B 199 22.86 35.35 11.03
C ASN B 199 21.97 34.17 11.45
N VAL B 200 22.13 33.77 12.71
CA VAL B 200 21.44 32.62 13.30
C VAL B 200 20.20 33.06 14.03
N ARG B 201 19.06 32.47 13.70
CA ARG B 201 17.79 32.80 14.24
C ARG B 201 17.17 31.67 15.08
N GLU B 202 16.66 31.94 16.28
CA GLU B 202 16.07 30.91 17.04
C GLU B 202 14.74 31.41 17.67
N ASP B 203 13.74 30.53 17.75
CA ASP B 203 12.52 30.76 18.52
C ASP B 203 12.26 29.59 19.44
N SER B 204 11.97 29.82 20.73
CA SER B 204 11.72 28.75 21.70
CA SER B 204 11.65 28.73 21.64
C SER B 204 10.35 28.97 22.30
N TYR B 205 9.51 27.90 22.35
CA TYR B 205 8.19 27.94 22.85
C TYR B 205 8.05 27.02 24.04
N HIS B 206 7.41 27.53 25.09
CA HIS B 206 7.22 26.71 26.33
CA HIS B 206 7.14 26.70 26.28
C HIS B 206 5.92 27.22 26.98
N TYR B 207 4.80 26.59 26.66
CA TYR B 207 3.54 27.08 27.26
C TYR B 207 3.43 26.49 28.69
N GLU B 208 3.04 27.31 29.64
CA GLU B 208 3.05 26.90 31.07
C GLU B 208 1.95 25.86 31.22
N GLY B 209 2.30 24.75 31.89
CA GLY B 209 1.43 23.59 32.09
C GLY B 209 2.23 22.31 32.29
#